data_5J12
#
_entry.id   5J12
#
_cell.length_a   125.442
_cell.length_b   125.442
_cell.length_c   194.573
_cell.angle_alpha   90.00
_cell.angle_beta   90.00
_cell.angle_gamma   120.00
#
_symmetry.space_group_name_H-M   'P 65 2 2'
#
loop_
_entity.id
_entity.type
_entity.pdbx_description
1 polymer 'Thymic stromal lymphopoietin'
2 polymer 'Interleukin-7 receptor subunit alpha'
3 polymer 'Cytokine receptor-like factor 2'
4 non-polymer 2-acetamido-2-deoxy-beta-D-glucopyranose
5 non-polymer 'SULFATE ION'
6 water water
#
loop_
_entity_poly.entity_id
_entity_poly.type
_entity_poly.pdbx_seq_one_letter_code
_entity_poly.pdbx_strand_id
1 'polypeptide(L)'
;MFPFALLYVLSVSFRKIFILQLVGLVLTYDFTNCDFEKIKAAYLSTISKDLITYMSGTKSTEFQNTVSCSNRPHCLTEIQ
SLTFNPTAGCASLAKEMFAMKTKAALAIWCPGYSETQINATQAMKSVTTNKCLEQVSQLQGLWRRFNRPLLKQQGTKHHH
HHH
;
A
2 'polypeptide(L)'
;GSHMESGNAQDGDLEDADADDHSFWCHSQLEVDGSQHLLTCAFNDSDINTANLEFQICGALLRVKCLTLNKLQDIYFIKT
SEFLLIGSSNICVKLGQKNLTCKNMAINTIVKAEAPSDLKVVYRKEANDFLVTFNAPHLKKKYLKKVKHDVAYRPARGES
NWTHVSLFHTRTTIPQRKLRPKAMYEIKVRSIPHNDYFKGFWSEWSPSSTFETPEPKNQGGWD
;
B
3 'polypeptide(L)'
;MGRLVLLWGAAVFLLGGWMALGQGGAAEGVQIQIIYFNLETVQVTWNASKYSRTNLTFHYRFNGDEAYDQCTNYLLQEGH
TSGCLLDAEQRDDILYFSIRNGTHPVFTASRWMVYYLKPSSPKHVRFSWHQDAVTVTCSDLSYGDLLYEVQYRSPFDTEW
QSKQENTCNVTIEGLDAEKCYSFWVRVKAMEDVYGPDTYPSDWSEVTCWQRGEIRDACAETGTKHHHHHH
;
C
#
loop_
_chem_comp.id
_chem_comp.type
_chem_comp.name
_chem_comp.formula
NAG D-saccharide, beta linking 2-acetamido-2-deoxy-beta-D-glucopyranose 'C8 H15 N O6'
SO4 non-polymer 'SULFATE ION' 'O4 S -2'
#
# COMPACT_ATOMS: atom_id res chain seq x y z
N TYR A 29 -23.36 18.46 0.71
CA TYR A 29 -22.51 19.11 1.71
C TYR A 29 -21.26 19.62 1.01
N ASP A 30 -20.63 20.73 1.48
CA ASP A 30 -19.38 21.30 0.88
C ASP A 30 -18.14 20.63 1.46
N PHE A 31 -17.44 19.84 0.60
CA PHE A 31 -16.27 19.12 1.06
C PHE A 31 -14.99 19.91 0.96
N THR A 32 -15.05 21.25 0.98
CA THR A 32 -13.79 22.00 0.96
C THR A 32 -13.20 22.22 2.31
N ASN A 33 -13.94 21.98 3.41
CA ASN A 33 -13.38 22.19 4.75
C ASN A 33 -12.81 20.91 5.36
N CYS A 34 -12.64 19.85 4.56
CA CYS A 34 -12.09 18.57 5.00
C CYS A 34 -10.63 18.55 5.21
N ASP A 35 -10.16 17.68 6.15
CA ASP A 35 -8.72 17.48 6.35
C ASP A 35 -8.34 16.38 5.38
N PHE A 36 -8.06 16.78 4.13
CA PHE A 36 -7.77 15.85 3.05
C PHE A 36 -6.65 14.91 3.31
N GLU A 37 -5.58 15.42 3.95
CA GLU A 37 -4.41 14.60 4.24
C GLU A 37 -4.73 13.50 5.23
N LYS A 38 -5.61 13.80 6.20
CA LYS A 38 -6.04 12.82 7.19
C LYS A 38 -6.94 11.75 6.50
N ILE A 39 -7.81 12.18 5.56
CA ILE A 39 -8.73 11.32 4.81
C ILE A 39 -7.90 10.42 3.92
N LYS A 40 -6.88 11.00 3.25
CA LYS A 40 -5.95 10.28 2.39
C LYS A 40 -5.26 9.16 3.21
N ALA A 41 -4.84 9.48 4.45
CA ALA A 41 -4.18 8.51 5.31
C ALA A 41 -5.10 7.34 5.64
N ALA A 42 -6.36 7.63 5.90
CA ALA A 42 -7.36 6.63 6.21
C ALA A 42 -7.62 5.71 5.01
N TYR A 43 -7.67 6.28 3.78
CA TYR A 43 -7.90 5.56 2.53
C TYR A 43 -6.77 4.55 2.30
N LEU A 44 -5.51 5.04 2.37
CA LEU A 44 -4.34 4.23 2.13
C LEU A 44 -4.10 3.12 3.18
N SER A 45 -4.51 3.39 4.45
CA SER A 45 -4.37 2.44 5.55
C SER A 45 -5.31 1.31 5.46
N THR A 46 -6.64 1.59 5.37
CA THR A 46 -7.67 0.55 5.42
C THR A 46 -8.76 0.54 4.32
N ILE A 47 -9.32 1.70 3.99
CA ILE A 47 -10.42 1.79 3.04
C ILE A 47 -10.04 1.20 1.69
N SER A 48 -8.84 1.54 1.16
CA SER A 48 -8.36 1.01 -0.10
C SER A 48 -8.46 -0.51 -0.06
N LYS A 49 -7.96 -1.10 1.04
CA LYS A 49 -7.91 -2.54 1.21
C LYS A 49 -9.30 -3.18 1.26
N ASP A 50 -10.26 -2.49 1.88
CA ASP A 50 -11.63 -2.95 2.01
C ASP A 50 -12.38 -2.91 0.68
N LEU A 51 -12.05 -1.93 -0.17
CA LEU A 51 -12.63 -1.87 -1.51
C LEU A 51 -12.12 -3.04 -2.33
N ILE A 52 -10.82 -3.40 -2.17
CA ILE A 52 -10.20 -4.51 -2.88
C ILE A 52 -10.82 -5.79 -2.46
N THR A 53 -11.10 -5.93 -1.16
CA THR A 53 -11.74 -7.14 -0.62
C THR A 53 -13.14 -7.29 -1.20
N TYR A 54 -13.89 -6.17 -1.33
CA TYR A 54 -15.23 -6.16 -1.90
C TYR A 54 -15.23 -6.60 -3.37
N MET A 55 -14.24 -6.13 -4.10
CA MET A 55 -14.09 -6.40 -5.54
C MET A 55 -13.40 -7.72 -5.83
N SER A 56 -12.89 -8.42 -4.80
CA SER A 56 -12.17 -9.68 -4.98
C SER A 56 -12.85 -10.62 -5.93
N GLY A 57 -12.07 -11.06 -6.91
CA GLY A 57 -12.49 -12.01 -7.91
C GLY A 57 -12.99 -11.46 -9.22
N THR A 58 -13.01 -10.13 -9.35
CA THR A 58 -13.46 -9.49 -10.57
C THR A 58 -12.23 -9.02 -11.32
N LYS A 59 -12.30 -9.04 -12.66
CA LYS A 59 -11.20 -8.56 -13.48
C LYS A 59 -11.15 -7.03 -13.37
N SER A 60 -9.97 -6.47 -13.12
CA SER A 60 -9.77 -5.00 -13.10
C SER A 60 -10.43 -4.33 -14.34
N THR A 61 -10.06 -4.84 -15.53
CA THR A 61 -10.56 -4.50 -16.86
C THR A 61 -12.06 -4.82 -17.04
N GLU A 62 -12.72 -5.64 -16.14
CA GLU A 62 -14.14 -6.07 -16.25
C GLU A 62 -15.16 -4.92 -16.21
N PHE A 63 -14.95 -3.87 -15.42
CA PHE A 63 -15.98 -2.82 -15.52
C PHE A 63 -15.52 -1.58 -16.25
N GLN A 64 -16.33 -1.06 -17.17
CA GLN A 64 -15.99 0.17 -17.87
C GLN A 64 -16.01 1.34 -16.88
N ASN A 65 -14.96 2.21 -16.92
CA ASN A 65 -14.90 3.39 -16.05
C ASN A 65 -15.73 4.50 -16.65
N THR A 66 -16.74 4.98 -15.91
CA THR A 66 -17.70 5.98 -16.36
C THR A 66 -17.75 7.25 -15.50
N VAL A 67 -17.47 7.14 -14.19
CA VAL A 67 -17.56 8.28 -13.26
C VAL A 67 -16.20 8.96 -13.06
N SER A 68 -16.14 10.25 -13.36
CA SER A 68 -14.92 11.03 -13.15
C SER A 68 -15.08 12.10 -12.05
N CYS A 69 -13.96 12.65 -11.60
CA CYS A 69 -13.93 13.75 -10.65
C CYS A 69 -12.69 14.61 -10.90
N SER A 70 -12.70 15.85 -10.42
CA SER A 70 -11.60 16.78 -10.59
C SER A 70 -10.80 16.93 -9.30
N ASN A 71 -11.07 18.01 -8.53
CA ASN A 71 -10.35 18.30 -7.31
C ASN A 71 -10.85 17.48 -6.15
N ARG A 72 -10.10 17.50 -5.05
CA ARG A 72 -10.37 16.71 -3.84
C ARG A 72 -11.78 16.97 -3.33
N PRO A 73 -12.27 18.22 -3.22
CA PRO A 73 -13.64 18.42 -2.79
C PRO A 73 -14.64 17.78 -3.76
N HIS A 74 -14.40 17.89 -5.10
CA HIS A 74 -15.29 17.26 -6.09
C HIS A 74 -15.24 15.73 -6.03
N CYS A 75 -14.07 15.14 -5.75
CA CYS A 75 -13.98 13.70 -5.64
C CYS A 75 -14.71 13.22 -4.44
N LEU A 76 -14.60 13.92 -3.29
CA LEU A 76 -15.34 13.57 -2.10
C LEU A 76 -16.84 13.70 -2.33
N THR A 77 -17.26 14.67 -3.17
CA THR A 77 -18.66 14.87 -3.52
C THR A 77 -19.16 13.63 -4.28
N GLU A 78 -18.39 13.19 -5.29
CA GLU A 78 -18.79 12.01 -6.06
C GLU A 78 -18.70 10.70 -5.25
N ILE A 79 -17.70 10.59 -4.30
CA ILE A 79 -17.52 9.42 -3.41
C ILE A 79 -18.68 9.35 -2.47
N GLN A 80 -19.08 10.52 -1.97
CA GLN A 80 -20.22 10.69 -1.10
C GLN A 80 -21.45 10.10 -1.80
N SER A 81 -21.71 10.59 -3.02
CA SER A 81 -22.86 10.19 -3.80
C SER A 81 -22.93 8.69 -4.04
N LEU A 82 -21.86 8.12 -4.55
CA LEU A 82 -21.82 6.71 -4.92
C LEU A 82 -21.85 5.76 -3.75
N THR A 83 -21.25 6.15 -2.61
CA THR A 83 -21.21 5.31 -1.42
C THR A 83 -22.56 5.35 -0.67
N PHE A 84 -23.20 6.52 -0.57
CA PHE A 84 -24.37 6.63 0.27
C PHE A 84 -25.70 6.95 -0.37
N ASN A 85 -25.74 7.60 -1.53
CA ASN A 85 -27.03 7.88 -2.18
C ASN A 85 -27.54 6.59 -2.84
N PRO A 86 -28.76 6.16 -2.51
CA PRO A 86 -29.22 4.87 -3.02
C PRO A 86 -29.61 4.92 -4.49
N THR A 87 -28.94 4.07 -5.29
CA THR A 87 -29.18 3.93 -6.73
C THR A 87 -30.16 2.79 -6.98
N ALA A 88 -30.41 2.48 -8.25
CA ALA A 88 -31.29 1.39 -8.63
C ALA A 88 -30.41 0.20 -9.02
N GLY A 89 -30.66 -0.93 -8.37
CA GLY A 89 -29.89 -2.17 -8.55
C GLY A 89 -29.02 -2.40 -7.33
N CYS A 90 -28.30 -1.33 -6.95
CA CYS A 90 -27.53 -1.37 -5.72
C CYS A 90 -28.18 -0.48 -4.66
N ALA A 91 -29.12 -1.08 -3.94
CA ALA A 91 -29.90 -0.35 -2.96
C ALA A 91 -29.06 0.18 -1.83
N SER A 92 -28.17 -0.69 -1.31
CA SER A 92 -27.36 -0.34 -0.17
C SER A 92 -25.95 -0.90 -0.12
N LEU A 93 -24.98 0.05 -0.21
CA LEU A 93 -23.57 -0.20 0.03
C LEU A 93 -23.27 0.36 1.37
N ALA A 94 -24.18 1.18 1.92
CA ALA A 94 -23.99 1.83 3.21
C ALA A 94 -23.65 0.90 4.37
N LYS A 95 -24.18 -0.34 4.38
CA LYS A 95 -23.85 -1.24 5.47
C LYS A 95 -22.43 -1.82 5.37
N GLU A 96 -21.81 -1.83 4.14
CA GLU A 96 -20.47 -2.39 3.89
C GLU A 96 -19.41 -1.73 4.70
N MET A 97 -18.40 -2.52 5.11
CA MET A 97 -17.33 -2.03 5.96
C MET A 97 -16.59 -0.87 5.34
N PHE A 98 -16.32 -0.90 4.01
CA PHE A 98 -15.68 0.26 3.38
C PHE A 98 -16.54 1.53 3.48
N ALA A 99 -17.89 1.40 3.41
CA ALA A 99 -18.79 2.56 3.48
C ALA A 99 -18.85 3.11 4.87
N MET A 100 -18.86 2.22 5.87
CA MET A 100 -18.90 2.60 7.26
C MET A 100 -17.67 3.33 7.68
N LYS A 101 -16.49 2.94 7.13
CA LYS A 101 -15.22 3.61 7.37
C LYS A 101 -15.22 4.96 6.65
N THR A 102 -15.74 5.02 5.39
CA THR A 102 -15.83 6.27 4.61
C THR A 102 -16.66 7.27 5.39
N LYS A 103 -17.85 6.82 5.96
CA LYS A 103 -18.74 7.65 6.77
C LYS A 103 -18.01 8.13 8.00
N ALA A 104 -17.21 7.24 8.62
CA ALA A 104 -16.41 7.57 9.80
C ALA A 104 -15.34 8.62 9.52
N ALA A 105 -14.61 8.48 8.40
CA ALA A 105 -13.55 9.41 8.04
C ALA A 105 -14.11 10.79 7.76
N LEU A 106 -15.24 10.85 7.03
CA LEU A 106 -15.90 12.11 6.70
C LEU A 106 -16.52 12.79 7.93
N ALA A 107 -17.05 12.01 8.91
CA ALA A 107 -17.62 12.62 10.09
C ALA A 107 -16.58 13.22 11.01
N ILE A 108 -15.38 12.59 11.04
CA ILE A 108 -14.26 13.05 11.87
C ILE A 108 -13.58 14.24 11.26
N TRP A 109 -13.27 14.17 9.95
CA TRP A 109 -12.41 15.15 9.31
C TRP A 109 -13.09 16.18 8.42
N CYS A 110 -14.40 16.06 8.21
CA CYS A 110 -15.10 17.10 7.50
C CYS A 110 -16.00 17.80 8.51
N PRO A 111 -15.65 19.04 8.94
CA PRO A 111 -16.48 19.74 9.93
C PRO A 111 -17.86 20.10 9.41
N GLY A 112 -18.86 19.73 10.21
CA GLY A 112 -20.27 19.94 9.86
C GLY A 112 -20.83 18.92 8.89
N TYR A 113 -20.16 17.76 8.81
CA TYR A 113 -20.65 16.71 7.92
C TYR A 113 -21.73 15.92 8.65
N SER A 114 -21.54 15.67 9.95
CA SER A 114 -22.46 14.93 10.84
C SER A 114 -23.69 15.79 11.28
N GLU A 115 -23.60 17.08 11.05
CA GLU A 115 -24.61 18.05 11.39
C GLU A 115 -25.57 18.19 10.19
N THR A 116 -25.17 17.61 9.03
CA THR A 116 -25.90 17.60 7.74
C THR A 116 -26.38 16.21 7.34
N GLN A 117 -26.15 15.21 8.22
CA GLN A 117 -26.53 13.83 8.01
C GLN A 117 -28.08 13.59 8.05
N ILE A 118 -28.64 12.95 7.01
CA ILE A 118 -30.06 12.69 6.94
C ILE A 118 -30.43 11.54 7.89
N ASN A 119 -31.37 11.84 8.80
CA ASN A 119 -31.74 11.00 9.91
C ASN A 119 -33.00 10.12 9.69
N ALA A 120 -32.94 9.29 8.65
CA ALA A 120 -33.84 8.17 8.39
C ALA A 120 -33.27 7.25 7.29
N THR A 121 -33.78 5.99 7.21
CA THR A 121 -33.30 5.00 6.25
C THR A 121 -34.46 4.41 5.41
N THR A 128 -24.17 -9.13 -2.63
CA THR A 128 -23.49 -8.54 -3.78
C THR A 128 -24.28 -8.89 -5.10
N THR A 129 -24.62 -7.82 -5.86
CA THR A 129 -25.33 -7.77 -7.16
C THR A 129 -24.28 -7.34 -8.21
N ASN A 130 -24.38 -7.87 -9.46
CA ASN A 130 -23.48 -7.51 -10.57
C ASN A 130 -23.49 -6.00 -10.85
N LYS A 131 -24.47 -5.25 -10.27
CA LYS A 131 -24.62 -3.79 -10.37
C LYS A 131 -23.84 -3.09 -9.26
N CYS A 132 -23.70 -3.74 -8.08
CA CYS A 132 -22.94 -3.20 -6.94
C CYS A 132 -21.47 -3.23 -7.23
N LEU A 133 -20.99 -4.33 -7.85
CA LEU A 133 -19.59 -4.49 -8.20
C LEU A 133 -19.18 -3.44 -9.20
N GLU A 134 -20.06 -3.12 -10.17
CA GLU A 134 -19.86 -2.05 -11.15
C GLU A 134 -19.65 -0.73 -10.44
N GLN A 135 -20.56 -0.42 -9.52
CA GLN A 135 -20.56 0.81 -8.77
C GLN A 135 -19.36 0.94 -7.85
N VAL A 136 -18.90 -0.16 -7.21
CA VAL A 136 -17.74 -0.12 -6.31
C VAL A 136 -16.46 0.08 -7.11
N SER A 137 -16.47 -0.44 -8.35
CA SER A 137 -15.36 -0.27 -9.29
C SER A 137 -15.23 1.23 -9.54
N GLN A 138 -16.40 1.93 -9.74
CA GLN A 138 -16.46 3.39 -9.96
C GLN A 138 -15.87 4.13 -8.76
N LEU A 139 -16.20 3.67 -7.51
CA LEU A 139 -15.67 4.28 -6.29
C LEU A 139 -14.16 4.20 -6.21
N GLN A 140 -13.58 3.01 -6.51
CA GLN A 140 -12.13 2.81 -6.54
C GLN A 140 -11.38 3.84 -7.38
N GLY A 141 -11.97 4.21 -8.52
CA GLY A 141 -11.40 5.18 -9.45
C GLY A 141 -11.40 6.60 -8.92
N LEU A 142 -12.48 6.94 -8.20
CA LEU A 142 -12.65 8.27 -7.62
C LEU A 142 -11.68 8.45 -6.48
N TRP A 143 -11.52 7.38 -5.66
CA TRP A 143 -10.61 7.43 -4.52
C TRP A 143 -9.20 7.56 -4.98
N ARG A 144 -8.85 6.86 -6.06
CA ARG A 144 -7.54 6.93 -6.69
C ARG A 144 -7.35 8.30 -7.28
N ARG A 145 -8.38 8.89 -7.96
CA ARG A 145 -8.26 10.24 -8.51
C ARG A 145 -8.12 11.28 -7.39
N PHE A 146 -8.72 11.02 -6.23
CA PHE A 146 -8.58 11.90 -5.05
C PHE A 146 -7.11 12.01 -4.60
N ASN A 147 -6.29 10.98 -4.92
CA ASN A 147 -4.86 10.90 -4.61
C ASN A 147 -3.96 11.46 -5.70
N ARG A 148 -4.55 12.00 -6.79
CA ARG A 148 -3.82 12.61 -7.91
C ARG A 148 -4.32 14.03 -8.19
N PRO A 149 -4.50 14.89 -7.18
CA PRO A 149 -5.10 16.20 -7.44
C PRO A 149 -4.31 17.15 -8.29
N LEU A 150 -2.99 16.94 -8.33
CA LEU A 150 -2.11 17.82 -9.06
C LEU A 150 -2.07 17.54 -10.54
N LEU A 151 -2.59 16.38 -11.00
CA LEU A 151 -2.60 16.03 -12.43
C LEU A 151 -3.67 16.82 -13.14
N LYS A 152 -3.30 17.40 -14.28
CA LYS A 152 -4.20 18.23 -15.08
C LYS A 152 -5.29 17.42 -15.80
N GLN A 153 -6.35 18.09 -16.26
CA GLN A 153 -7.45 17.47 -16.98
C GLN A 153 -7.96 18.42 -18.09
N GLN A 154 -9.06 17.98 -18.78
CA GLN A 154 -9.85 18.76 -19.77
C GLN A 154 -10.51 20.00 -19.09
N GLY A 155 -10.79 19.91 -17.76
CA GLY A 155 -11.29 20.99 -16.90
C GLY A 155 -10.19 22.01 -16.69
N THR A 156 -10.05 22.90 -17.70
CA THR A 156 -8.98 23.89 -17.87
C THR A 156 -9.47 25.37 -17.83
N LYS A 157 -8.52 26.26 -18.25
CA LYS A 157 -8.47 27.71 -18.33
C LYS A 157 -8.52 28.34 -16.90
N HIS A 158 -7.28 28.52 -16.35
CA HIS A 158 -6.99 29.11 -15.05
C HIS A 158 -5.51 29.66 -14.88
N HIS A 159 -5.20 30.74 -15.66
CA HIS A 159 -3.97 31.54 -15.61
C HIS A 159 -4.39 32.76 -14.80
N HIS A 160 -3.44 33.53 -14.17
CA HIS A 160 -3.75 34.73 -13.34
C HIS A 160 -2.60 35.72 -13.18
N HIS A 161 -2.81 36.75 -12.35
CA HIS A 161 -1.79 37.74 -12.06
C HIS A 161 -1.50 37.77 -10.54
N HIS B 22 -5.78 1.96 39.64
CA HIS B 22 -6.35 1.13 38.56
C HIS B 22 -5.83 1.47 37.16
N SER B 23 -4.61 2.04 37.08
CA SER B 23 -3.96 2.40 35.82
C SER B 23 -3.77 1.15 34.96
N PHE B 24 -3.94 1.30 33.65
CA PHE B 24 -3.89 0.12 32.79
C PHE B 24 -3.29 0.40 31.43
N TRP B 25 -3.01 -0.69 30.68
CA TRP B 25 -2.50 -0.61 29.32
C TRP B 25 -3.39 -1.43 28.42
N CYS B 26 -3.35 -1.15 27.11
CA CYS B 26 -4.08 -1.89 26.07
C CYS B 26 -3.20 -1.97 24.87
N HIS B 27 -3.35 -3.03 24.11
CA HIS B 27 -2.77 -3.12 22.80
C HIS B 27 -3.68 -3.88 21.86
N SER B 28 -3.65 -3.49 20.59
CA SER B 28 -4.47 -4.13 19.57
C SER B 28 -3.57 -4.92 18.66
N GLN B 29 -4.12 -5.90 17.95
CA GLN B 29 -3.40 -6.72 16.97
C GLN B 29 -4.36 -6.98 15.86
N LEU B 30 -3.91 -6.77 14.65
CA LEU B 30 -4.82 -6.83 13.54
C LEU B 30 -4.88 -8.12 12.82
N GLU B 31 -6.09 -8.52 12.36
CA GLU B 31 -6.32 -9.72 11.52
C GLU B 31 -5.71 -10.99 12.13
N VAL B 32 -6.14 -11.29 13.34
CA VAL B 32 -5.57 -12.34 14.11
C VAL B 32 -6.06 -13.68 13.62
N ASP B 33 -7.35 -13.98 13.78
CA ASP B 33 -7.87 -15.27 13.32
C ASP B 33 -9.05 -15.05 12.41
N GLY B 34 -8.79 -14.20 11.42
CA GLY B 34 -9.70 -13.89 10.34
C GLY B 34 -9.47 -12.48 9.90
N SER B 35 -10.58 -11.80 9.62
CA SER B 35 -10.64 -10.36 9.38
C SER B 35 -10.80 -9.70 10.76
N GLN B 36 -10.90 -10.53 11.83
CA GLN B 36 -11.10 -10.08 13.21
C GLN B 36 -9.83 -9.56 13.85
N HIS B 37 -9.96 -8.54 14.69
CA HIS B 37 -8.86 -7.91 15.39
C HIS B 37 -8.94 -8.26 16.84
N LEU B 38 -7.81 -8.14 17.53
CA LEU B 38 -7.74 -8.47 18.93
C LEU B 38 -7.35 -7.29 19.74
N LEU B 39 -8.10 -7.02 20.81
CA LEU B 39 -7.79 -5.97 21.76
C LEU B 39 -7.52 -6.65 23.09
N THR B 40 -6.35 -6.37 23.70
CA THR B 40 -5.92 -6.89 25.01
C THR B 40 -5.61 -5.74 25.98
N CYS B 41 -6.15 -5.79 27.20
CA CYS B 41 -5.87 -4.81 28.25
C CYS B 41 -5.53 -5.51 29.54
N ALA B 42 -4.76 -4.84 30.40
CA ALA B 42 -4.44 -5.33 31.73
C ALA B 42 -4.00 -4.21 32.64
N PHE B 43 -4.12 -4.42 33.96
CA PHE B 43 -3.70 -3.44 34.94
C PHE B 43 -2.19 -3.40 35.05
N ASN B 44 -1.64 -2.21 35.32
CA ASN B 44 -0.21 -2.02 35.49
C ASN B 44 0.23 -2.69 36.78
N ASP B 45 -0.64 -2.70 37.78
CA ASP B 45 -0.39 -3.38 39.04
C ASP B 45 -0.99 -4.79 39.00
N SER B 46 -0.16 -5.82 38.87
CA SER B 46 -0.62 -7.21 38.83
C SER B 46 -1.06 -7.73 40.22
N ASP B 47 -0.75 -6.99 41.30
CA ASP B 47 -1.12 -7.34 42.68
C ASP B 47 -2.50 -6.76 43.02
N ILE B 48 -3.36 -6.59 42.00
CA ILE B 48 -4.69 -6.01 42.14
C ILE B 48 -5.80 -7.07 42.15
N ASN B 49 -6.73 -6.98 43.13
CA ASN B 49 -7.88 -7.88 43.18
C ASN B 49 -8.82 -7.36 42.10
N THR B 50 -8.85 -8.07 40.96
CA THR B 50 -9.67 -7.72 39.80
C THR B 50 -11.11 -8.20 39.96
N ALA B 51 -11.51 -8.53 41.19
CA ALA B 51 -12.86 -9.02 41.48
C ALA B 51 -13.90 -8.01 41.04
N ASN B 52 -14.75 -8.42 40.09
CA ASN B 52 -15.86 -7.61 39.58
C ASN B 52 -15.46 -6.36 38.78
N LEU B 53 -14.18 -6.22 38.39
CA LEU B 53 -13.78 -5.09 37.54
C LEU B 53 -13.89 -5.52 36.07
N GLU B 54 -14.56 -4.74 35.22
CA GLU B 54 -14.75 -5.07 33.80
C GLU B 54 -14.21 -3.95 32.91
N PHE B 55 -13.81 -4.31 31.68
CA PHE B 55 -13.32 -3.37 30.70
C PHE B 55 -14.37 -3.27 29.62
N GLN B 56 -14.72 -2.04 29.28
CA GLN B 56 -15.70 -1.73 28.24
C GLN B 56 -15.10 -0.74 27.28
N ILE B 57 -15.26 -0.98 25.98
CA ILE B 57 -14.79 -0.08 24.93
C ILE B 57 -16.00 0.46 24.21
N CYS B 58 -16.07 1.79 24.08
CA CYS B 58 -17.17 2.47 23.40
C CYS B 58 -16.62 3.39 22.37
N GLY B 59 -17.30 3.47 21.24
CA GLY B 59 -16.92 4.38 20.18
C GLY B 59 -15.99 3.78 19.18
N ALA B 60 -16.08 4.28 17.94
CA ALA B 60 -15.27 3.84 16.79
C ALA B 60 -15.55 2.40 16.42
N LEU B 61 -16.81 1.97 16.66
CA LEU B 61 -17.26 0.63 16.33
C LEU B 61 -18.29 0.71 15.24
N LEU B 62 -18.41 -0.35 14.45
CA LEU B 62 -19.24 -0.35 13.26
C LEU B 62 -20.75 -0.43 13.52
N ARG B 63 -21.18 -1.49 14.22
CA ARG B 63 -22.59 -1.80 14.40
C ARG B 63 -23.10 -1.65 15.85
N VAL B 64 -22.19 -1.48 16.80
CA VAL B 64 -22.57 -1.37 18.21
C VAL B 64 -21.97 -0.13 18.88
N LYS B 65 -22.52 0.33 20.01
CA LYS B 65 -21.96 1.49 20.71
C LYS B 65 -20.78 1.09 21.53
N CYS B 66 -20.86 -0.12 22.10
CA CYS B 66 -19.87 -0.61 23.06
C CYS B 66 -19.65 -2.12 22.99
N LEU B 67 -18.51 -2.56 23.53
CA LEU B 67 -18.20 -3.98 23.66
C LEU B 67 -17.59 -4.18 25.03
N THR B 68 -17.83 -5.35 25.64
CA THR B 68 -17.24 -5.66 26.91
C THR B 68 -16.18 -6.72 26.67
N LEU B 69 -14.99 -6.52 27.25
CA LEU B 69 -13.87 -7.46 27.12
C LEU B 69 -14.07 -8.69 28.00
N ASN B 70 -13.50 -9.78 27.56
CA ASN B 70 -13.55 -11.05 28.23
C ASN B 70 -12.30 -11.29 29.07
N LYS B 71 -12.50 -11.65 30.32
CA LYS B 71 -11.40 -11.85 31.24
C LYS B 71 -10.88 -13.29 31.14
N LEU B 72 -9.54 -13.42 31.15
CA LEU B 72 -8.82 -14.70 31.21
C LEU B 72 -7.67 -14.52 32.19
N GLN B 73 -7.82 -15.09 33.42
CA GLN B 73 -6.84 -14.92 34.48
C GLN B 73 -6.60 -13.39 34.73
N ASP B 74 -5.37 -12.89 34.55
CA ASP B 74 -5.05 -11.49 34.83
C ASP B 74 -5.21 -10.51 33.62
N ILE B 75 -5.75 -10.98 32.48
CA ILE B 75 -5.87 -10.14 31.30
C ILE B 75 -7.28 -10.11 30.73
N TYR B 76 -7.57 -9.06 29.95
CA TYR B 76 -8.88 -8.83 29.32
C TYR B 76 -8.68 -8.73 27.86
N PHE B 77 -9.57 -9.30 27.07
CA PHE B 77 -9.44 -9.29 25.62
C PHE B 77 -10.79 -9.34 24.90
N ILE B 78 -10.80 -8.93 23.65
CA ILE B 78 -11.96 -9.10 22.76
C ILE B 78 -11.45 -9.34 21.33
N LYS B 79 -11.92 -10.41 20.70
CA LYS B 79 -11.68 -10.67 19.29
C LYS B 79 -12.99 -10.31 18.52
N THR B 80 -12.94 -9.33 17.63
CA THR B 80 -14.16 -8.81 16.98
C THR B 80 -13.89 -8.25 15.58
N SER B 81 -14.93 -8.00 14.79
CA SER B 81 -14.73 -7.30 13.54
C SER B 81 -15.35 -5.89 13.59
N GLU B 82 -15.74 -5.47 14.79
CA GLU B 82 -16.44 -4.20 14.98
C GLU B 82 -15.60 -2.96 14.87
N PHE B 83 -14.28 -3.07 15.05
CA PHE B 83 -13.43 -1.88 15.04
C PHE B 83 -13.39 -1.18 13.69
N LEU B 84 -13.73 0.12 13.68
CA LEU B 84 -13.67 0.90 12.45
C LEU B 84 -12.24 1.19 12.09
N LEU B 85 -11.33 1.21 13.09
CA LEU B 85 -9.92 1.54 12.91
C LEU B 85 -9.75 2.98 12.53
N ILE B 86 -10.81 3.78 12.66
CA ILE B 86 -10.85 5.20 12.38
C ILE B 86 -11.51 5.91 13.53
N GLY B 87 -10.76 6.79 14.17
CA GLY B 87 -11.26 7.53 15.33
C GLY B 87 -10.94 6.87 16.65
N SER B 88 -11.16 7.62 17.76
CA SER B 88 -10.86 7.16 19.12
C SER B 88 -12.01 6.49 19.84
N SER B 89 -11.63 5.60 20.75
CA SER B 89 -12.55 4.88 21.59
C SER B 89 -12.23 5.22 23.03
N ASN B 90 -13.26 5.12 23.90
CA ASN B 90 -13.12 5.29 25.34
C ASN B 90 -13.08 3.88 25.91
N ILE B 91 -11.98 3.56 26.59
CA ILE B 91 -11.83 2.27 27.27
C ILE B 91 -11.98 2.55 28.79
N CYS B 92 -13.02 1.96 29.40
CA CYS B 92 -13.34 2.20 30.80
C CYS B 92 -13.19 0.98 31.66
N VAL B 93 -12.64 1.16 32.87
CA VAL B 93 -12.60 0.14 33.92
C VAL B 93 -13.87 0.43 34.74
N LYS B 94 -14.78 -0.54 34.82
CA LYS B 94 -16.05 -0.35 35.51
C LYS B 94 -16.24 -1.31 36.66
N LEU B 95 -16.99 -0.87 37.67
CA LEU B 95 -17.41 -1.68 38.80
C LEU B 95 -18.92 -1.45 38.83
N GLY B 96 -19.67 -2.43 38.32
CA GLY B 96 -21.11 -2.25 38.15
C GLY B 96 -21.27 -1.22 37.04
N GLN B 97 -22.04 -0.17 37.30
CA GLN B 97 -22.22 0.93 36.34
C GLN B 97 -21.30 2.13 36.60
N LYS B 98 -20.44 2.02 37.63
CA LYS B 98 -19.49 3.06 38.03
C LYS B 98 -18.22 2.97 37.22
N ASN B 99 -17.81 4.07 36.61
CA ASN B 99 -16.54 4.15 35.87
C ASN B 99 -15.44 4.50 36.86
N LEU B 100 -14.47 3.59 37.07
CA LEU B 100 -13.34 3.85 37.96
C LEU B 100 -12.32 4.73 37.27
N THR B 101 -12.02 4.40 36.00
CA THR B 101 -11.07 5.13 35.18
C THR B 101 -11.34 4.86 33.73
N CYS B 102 -11.37 5.92 32.92
CA CYS B 102 -11.61 5.85 31.48
C CYS B 102 -10.45 6.49 30.74
N LYS B 103 -9.99 5.87 29.65
CA LYS B 103 -8.94 6.43 28.82
C LYS B 103 -9.39 6.43 27.37
N ASN B 104 -9.14 7.52 26.68
CA ASN B 104 -9.47 7.67 25.28
C ASN B 104 -8.26 7.28 24.46
N MET B 105 -8.44 6.39 23.48
CA MET B 105 -7.36 5.98 22.61
C MET B 105 -7.89 5.38 21.31
N ALA B 106 -7.08 5.42 20.27
CA ALA B 106 -7.51 4.88 19.00
C ALA B 106 -6.90 3.52 18.81
N ILE B 107 -7.73 2.55 18.37
CA ILE B 107 -7.26 1.18 18.12
C ILE B 107 -6.07 1.18 17.15
N ASN B 108 -6.11 2.08 16.14
CA ASN B 108 -5.04 2.14 15.16
C ASN B 108 -3.69 2.67 15.71
N THR B 109 -3.66 3.24 16.94
CA THR B 109 -2.43 3.78 17.49
C THR B 109 -1.87 2.93 18.65
N ILE B 110 -2.44 1.74 18.89
CA ILE B 110 -1.94 0.85 19.96
C ILE B 110 -1.61 -0.53 19.40
N VAL B 111 -1.22 -0.59 18.12
CA VAL B 111 -0.94 -1.86 17.47
C VAL B 111 0.35 -2.49 17.90
N LYS B 112 0.28 -3.71 18.45
CA LYS B 112 1.49 -4.49 18.79
C LYS B 112 1.71 -5.41 17.61
N ALA B 113 2.90 -5.35 17.02
CA ALA B 113 3.19 -6.22 15.88
C ALA B 113 3.29 -7.67 16.38
N GLU B 114 3.02 -8.63 15.49
CA GLU B 114 3.16 -10.03 15.84
C GLU B 114 4.64 -10.35 15.66
N ALA B 115 5.17 -11.23 16.52
CA ALA B 115 6.57 -11.61 16.46
C ALA B 115 6.86 -12.39 15.22
N PRO B 116 8.05 -12.19 14.62
CA PRO B 116 8.45 -13.01 13.47
C PRO B 116 8.66 -14.45 13.92
N SER B 117 8.72 -15.38 12.98
CA SER B 117 8.85 -16.82 13.25
C SER B 117 9.77 -17.45 12.22
N ASP B 118 10.06 -18.76 12.39
CA ASP B 118 10.83 -19.55 11.43
C ASP B 118 12.20 -18.97 11.18
N LEU B 119 12.83 -18.48 12.26
CA LEU B 119 14.16 -17.89 12.22
C LEU B 119 15.16 -19.00 11.85
N LYS B 120 15.98 -18.77 10.82
CA LYS B 120 16.96 -19.75 10.30
C LYS B 120 18.27 -19.07 9.95
N VAL B 121 19.38 -19.76 10.22
CA VAL B 121 20.72 -19.25 9.94
C VAL B 121 21.47 -20.32 9.16
N VAL B 122 22.02 -19.93 8.00
CA VAL B 122 22.80 -20.81 7.15
C VAL B 122 24.16 -20.22 6.92
N TYR B 123 25.21 -21.00 7.26
CA TYR B 123 26.59 -20.59 7.06
C TYR B 123 26.93 -20.82 5.62
N ARG B 124 27.42 -19.75 4.96
CA ARG B 124 27.83 -19.76 3.56
C ARG B 124 29.35 -19.58 3.49
N LYS B 125 30.10 -20.69 3.42
CA LYS B 125 31.57 -20.64 3.38
C LYS B 125 32.07 -19.82 2.20
N GLU B 126 31.44 -20.03 1.01
CA GLU B 126 31.76 -19.34 -0.24
C GLU B 126 31.70 -17.82 -0.05
N ALA B 127 30.73 -17.33 0.74
CA ALA B 127 30.54 -15.91 1.01
C ALA B 127 31.19 -15.44 2.29
N ASN B 128 31.77 -16.37 3.11
CA ASN B 128 32.34 -16.07 4.43
C ASN B 128 31.34 -15.25 5.25
N ASP B 129 30.10 -15.75 5.35
CA ASP B 129 29.05 -15.10 6.10
C ASP B 129 27.96 -16.07 6.55
N PHE B 130 27.01 -15.55 7.30
CA PHE B 130 25.84 -16.28 7.74
C PHE B 130 24.59 -15.60 7.19
N LEU B 131 23.74 -16.35 6.49
CA LEU B 131 22.46 -15.82 5.97
C LEU B 131 21.31 -16.09 6.96
N VAL B 132 20.72 -15.01 7.46
CA VAL B 132 19.63 -15.05 8.43
C VAL B 132 18.33 -14.76 7.73
N THR B 133 17.35 -15.65 7.89
CA THR B 133 16.02 -15.50 7.31
C THR B 133 14.94 -15.78 8.35
N PHE B 134 13.78 -15.18 8.18
CA PHE B 134 12.64 -15.36 9.07
C PHE B 134 11.36 -15.00 8.34
N ASN B 135 10.23 -15.32 8.94
CA ASN B 135 8.92 -15.02 8.37
C ASN B 135 8.27 -13.90 9.13
N ALA B 136 7.79 -12.90 8.39
CA ALA B 136 7.16 -11.70 8.93
C ALA B 136 5.66 -11.79 8.67
N PRO B 137 4.88 -12.09 9.73
CA PRO B 137 3.44 -12.31 9.56
C PRO B 137 2.65 -11.14 9.03
N HIS B 138 3.07 -9.91 9.29
CA HIS B 138 2.34 -8.76 8.80
C HIS B 138 2.25 -8.70 7.25
N LEU B 139 3.22 -9.32 6.57
CA LEU B 139 3.27 -9.30 5.12
C LEU B 139 2.08 -9.97 4.50
N LYS B 140 1.49 -10.96 5.23
CA LYS B 140 0.30 -11.70 4.81
C LYS B 140 -1.04 -11.01 5.18
N LYS B 141 -0.97 -9.89 5.93
CA LYS B 141 -2.14 -9.12 6.34
C LYS B 141 -2.64 -8.02 5.31
N LYS B 142 -3.91 -7.65 5.44
CA LYS B 142 -4.58 -6.67 4.62
C LYS B 142 -4.11 -5.26 4.92
N TYR B 143 -3.92 -4.93 6.19
CA TYR B 143 -3.48 -3.61 6.63
C TYR B 143 -2.15 -3.79 7.33
N LEU B 144 -1.35 -2.70 7.42
CA LEU B 144 -0.06 -2.73 8.11
C LEU B 144 0.94 -3.67 7.43
N LYS B 145 1.39 -3.23 6.24
CA LYS B 145 2.30 -4.01 5.42
C LYS B 145 3.77 -3.47 5.45
N LYS B 146 4.06 -2.50 6.33
CA LYS B 146 5.38 -1.94 6.59
C LYS B 146 5.71 -1.97 8.07
N VAL B 147 6.65 -2.85 8.48
CA VAL B 147 7.13 -2.95 9.87
C VAL B 147 8.65 -2.90 9.86
N LYS B 148 9.24 -2.45 10.97
CA LYS B 148 10.70 -2.42 11.15
C LYS B 148 11.07 -3.64 12.02
N HIS B 149 12.11 -4.39 11.61
CA HIS B 149 12.58 -5.56 12.35
C HIS B 149 13.83 -5.23 13.10
N ASP B 150 14.04 -5.93 14.21
CA ASP B 150 15.19 -5.79 15.11
C ASP B 150 15.76 -7.20 15.38
N VAL B 151 16.90 -7.49 14.75
CA VAL B 151 17.60 -8.76 14.91
C VAL B 151 18.67 -8.55 15.98
N ALA B 152 18.71 -9.43 16.98
CA ALA B 152 19.68 -9.37 18.06
C ALA B 152 20.43 -10.69 18.16
N TYR B 153 21.75 -10.62 18.33
CA TYR B 153 22.56 -11.81 18.48
C TYR B 153 23.70 -11.59 19.45
N ARG B 154 24.15 -12.68 20.10
CA ARG B 154 25.27 -12.73 21.05
C ARG B 154 25.67 -14.17 21.28
N PRO B 155 26.90 -14.40 21.77
CA PRO B 155 27.31 -15.78 22.09
C PRO B 155 26.35 -16.44 23.09
N ALA B 156 26.04 -17.73 22.86
CA ALA B 156 25.12 -18.52 23.67
C ALA B 156 25.64 -18.75 25.07
N ARG B 157 26.98 -18.78 25.24
CA ARG B 157 27.63 -19.00 26.53
C ARG B 157 28.21 -17.70 27.08
N GLY B 158 27.95 -17.44 28.35
CA GLY B 158 28.41 -16.26 29.07
C GLY B 158 27.52 -15.04 28.89
N GLU B 159 27.96 -13.92 29.46
CA GLU B 159 27.22 -12.67 29.38
C GLU B 159 27.86 -11.74 28.35
N SER B 160 27.03 -11.16 27.47
CA SER B 160 27.46 -10.21 26.46
C SER B 160 26.35 -9.24 26.16
N ASN B 161 26.71 -8.04 25.68
CA ASN B 161 25.75 -7.05 25.23
C ASN B 161 25.32 -7.50 23.84
N TRP B 162 24.02 -7.61 23.61
CA TRP B 162 23.50 -8.06 22.31
C TRP B 162 23.88 -7.09 21.20
N THR B 163 24.20 -7.63 20.00
CA THR B 163 24.43 -6.81 18.81
C THR B 163 23.08 -6.72 18.11
N HIS B 164 22.61 -5.50 17.79
CA HIS B 164 21.30 -5.32 17.14
C HIS B 164 21.44 -4.87 15.68
N VAL B 165 20.62 -5.44 14.80
CA VAL B 165 20.59 -5.11 13.38
C VAL B 165 19.18 -4.64 13.04
N SER B 166 19.02 -3.43 12.49
CA SER B 166 17.72 -2.89 12.12
C SER B 166 17.46 -3.22 10.65
N LEU B 167 16.33 -3.86 10.34
CA LEU B 167 16.02 -4.26 8.96
C LEU B 167 14.61 -3.92 8.56
N PHE B 168 14.38 -3.74 7.25
CA PHE B 168 13.04 -3.57 6.74
C PHE B 168 12.61 -4.74 5.89
N HIS B 169 13.48 -5.76 5.74
CA HIS B 169 13.16 -6.98 5.00
C HIS B 169 13.42 -8.21 5.89
N THR B 170 13.10 -9.42 5.41
CA THR B 170 13.18 -10.67 6.21
C THR B 170 14.45 -11.47 6.01
N ARG B 171 15.55 -10.79 5.70
CA ARG B 171 16.84 -11.41 5.52
C ARG B 171 17.96 -10.45 5.77
N THR B 172 19.04 -10.97 6.32
CA THR B 172 20.26 -10.22 6.55
C THR B 172 21.42 -11.19 6.55
N THR B 173 22.62 -10.65 6.45
CA THR B 173 23.81 -11.47 6.49
C THR B 173 24.68 -10.96 7.61
N ILE B 174 25.38 -11.89 8.26
CA ILE B 174 26.36 -11.57 9.29
C ILE B 174 27.72 -12.00 8.77
N PRO B 175 28.63 -11.02 8.47
CA PRO B 175 29.95 -11.39 7.95
C PRO B 175 30.71 -12.19 8.99
N GLN B 176 31.43 -13.21 8.54
CA GLN B 176 32.21 -14.11 9.40
C GLN B 176 33.11 -13.35 10.34
N ARG B 177 33.81 -12.33 9.82
CA ARG B 177 34.74 -11.50 10.57
C ARG B 177 34.09 -10.80 11.77
N LYS B 178 32.79 -10.60 11.74
CA LYS B 178 32.09 -9.93 12.83
C LYS B 178 31.87 -10.82 14.04
N LEU B 179 31.94 -12.16 13.86
CA LEU B 179 31.72 -13.13 14.91
C LEU B 179 33.01 -13.82 15.40
N ARG B 180 32.99 -14.30 16.64
CA ARG B 180 34.13 -15.04 17.15
C ARG B 180 34.11 -16.44 16.51
N PRO B 181 35.29 -17.01 16.20
CA PRO B 181 35.32 -18.36 15.60
C PRO B 181 35.13 -19.46 16.65
N LYS B 182 34.72 -20.65 16.19
CA LYS B 182 34.53 -21.82 17.05
C LYS B 182 33.67 -21.48 18.28
N ALA B 183 32.57 -20.75 18.06
CA ALA B 183 31.68 -20.36 19.14
C ALA B 183 30.20 -20.61 18.77
N MET B 184 29.35 -20.79 19.79
CA MET B 184 27.91 -20.98 19.60
C MET B 184 27.22 -19.65 19.87
N TYR B 185 26.35 -19.19 18.94
CA TYR B 185 25.62 -17.93 19.06
C TYR B 185 24.13 -18.16 19.24
N GLU B 186 23.48 -17.25 19.95
CA GLU B 186 22.03 -17.20 20.11
C GLU B 186 21.54 -15.99 19.27
N ILE B 187 20.42 -16.15 18.52
CA ILE B 187 19.84 -15.09 17.69
C ILE B 187 18.32 -15.09 17.80
N LYS B 188 17.73 -13.89 17.83
CA LYS B 188 16.29 -13.67 17.96
C LYS B 188 15.91 -12.40 17.23
N VAL B 189 14.61 -12.20 16.97
CA VAL B 189 14.13 -11.06 16.20
C VAL B 189 12.76 -10.57 16.69
N ARG B 190 12.52 -9.28 16.59
CA ARG B 190 11.24 -8.68 16.92
C ARG B 190 10.87 -7.62 15.87
N SER B 191 9.61 -7.15 15.89
CA SER B 191 9.13 -6.18 14.91
C SER B 191 8.27 -5.10 15.54
N ILE B 192 8.19 -3.93 14.89
CA ILE B 192 7.34 -2.83 15.34
C ILE B 192 6.68 -2.16 14.14
N PRO B 193 5.43 -1.67 14.28
CA PRO B 193 4.82 -0.92 13.16
C PRO B 193 5.67 0.29 12.77
N HIS B 194 5.78 0.59 11.47
CA HIS B 194 6.60 1.73 11.01
C HIS B 194 5.78 2.82 10.21
N ASN B 195 4.53 2.44 9.86
CA ASN B 195 3.40 3.06 9.16
C ASN B 195 2.98 4.48 9.64
N ASP B 196 2.61 5.32 8.68
CA ASP B 196 2.20 6.71 8.94
C ASP B 196 0.77 6.81 9.54
N TYR B 197 0.08 5.66 9.76
CA TYR B 197 -1.28 5.63 10.27
C TYR B 197 -1.36 4.75 11.42
N PHE B 198 -0.91 3.49 11.26
CA PHE B 198 -0.89 2.49 12.34
C PHE B 198 0.36 2.66 13.15
N LYS B 199 0.18 2.83 14.44
CA LYS B 199 1.31 3.06 15.33
C LYS B 199 1.17 2.11 16.51
N GLY B 200 2.27 1.81 17.18
CA GLY B 200 2.13 0.97 18.34
C GLY B 200 3.40 0.55 19.03
N PHE B 201 3.51 -0.77 19.23
CA PHE B 201 4.50 -1.38 20.09
C PHE B 201 5.32 -2.49 19.51
N TRP B 202 6.53 -2.71 20.09
CA TRP B 202 7.36 -3.84 19.69
C TRP B 202 6.62 -5.13 19.97
N SER B 203 6.79 -6.10 19.09
CA SER B 203 6.31 -7.45 19.31
C SER B 203 7.15 -8.10 20.41
N GLU B 204 6.70 -9.25 20.88
CA GLU B 204 7.54 -10.06 21.76
C GLU B 204 8.70 -10.54 20.87
N TRP B 205 9.80 -11.00 21.48
CA TRP B 205 10.90 -11.57 20.71
C TRP B 205 10.44 -12.90 20.16
N SER B 206 10.98 -13.27 19.00
CA SER B 206 10.76 -14.59 18.45
C SER B 206 11.45 -15.55 19.41
N PRO B 207 11.13 -16.85 19.33
CA PRO B 207 11.94 -17.81 20.08
C PRO B 207 13.37 -17.71 19.53
N SER B 208 14.36 -17.98 20.36
CA SER B 208 15.73 -17.88 19.90
C SER B 208 16.20 -19.10 19.10
N SER B 209 17.02 -18.86 18.09
CA SER B 209 17.68 -19.94 17.34
C SER B 209 19.16 -19.89 17.73
N THR B 210 19.91 -20.97 17.49
CA THR B 210 21.33 -20.98 17.78
C THR B 210 22.07 -21.47 16.57
N PHE B 211 23.33 -21.09 16.44
CA PHE B 211 24.21 -21.53 15.35
C PHE B 211 25.65 -21.62 15.86
N GLU B 212 26.51 -22.34 15.14
CA GLU B 212 27.93 -22.51 15.48
C GLU B 212 28.82 -21.90 14.41
N THR B 213 29.88 -21.19 14.83
CA THR B 213 30.80 -20.57 13.89
C THR B 213 32.00 -21.47 13.62
N PRO B 214 32.53 -21.43 12.38
CA PRO B 214 33.68 -22.29 12.05
C PRO B 214 35.03 -21.71 12.49
N GLU B 215 36.11 -22.44 12.17
CA GLU B 215 37.48 -21.97 12.37
C GLU B 215 37.72 -20.83 11.38
N VAL C 30 -11.51 -8.99 -30.48
CA VAL C 30 -10.56 -7.88 -30.49
C VAL C 30 -9.72 -7.79 -29.23
N GLN C 31 -8.41 -8.03 -29.36
CA GLN C 31 -7.46 -7.95 -28.26
C GLN C 31 -6.88 -6.53 -28.27
N ILE C 32 -6.80 -5.86 -27.10
CA ILE C 32 -6.35 -4.45 -26.98
C ILE C 32 -5.20 -4.30 -26.00
N GLN C 33 -4.37 -3.28 -26.21
CA GLN C 33 -3.29 -2.93 -25.27
C GLN C 33 -3.28 -1.44 -25.16
N ILE C 34 -3.20 -0.90 -23.93
CA ILE C 34 -3.13 0.54 -23.69
C ILE C 34 -1.86 0.85 -22.95
N ILE C 35 -1.10 1.86 -23.37
CA ILE C 35 0.08 2.32 -22.64
C ILE C 35 0.02 3.82 -22.63
N TYR C 36 0.21 4.40 -21.45
CA TYR C 36 0.29 5.82 -21.25
C TYR C 36 1.77 6.06 -20.93
N PHE C 37 2.55 6.33 -21.97
CA PHE C 37 3.98 6.52 -21.84
C PHE C 37 4.33 7.77 -21.07
N ASN C 38 4.91 7.61 -19.86
CA ASN C 38 5.44 8.69 -19.00
C ASN C 38 4.50 9.89 -18.81
N LEU C 39 3.17 9.64 -18.86
CA LEU C 39 2.10 10.62 -18.76
C LEU C 39 2.17 11.58 -19.95
N GLU C 40 2.75 11.17 -21.08
CA GLU C 40 2.89 11.98 -22.29
C GLU C 40 2.00 11.52 -23.46
N THR C 41 2.15 10.27 -23.86
CA THR C 41 1.44 9.73 -25.01
C THR C 41 0.65 8.52 -24.65
N VAL C 42 -0.61 8.47 -25.10
CA VAL C 42 -1.47 7.29 -24.97
C VAL C 42 -1.38 6.53 -26.28
N GLN C 43 -1.08 5.23 -26.18
CA GLN C 43 -1.03 4.38 -27.34
C GLN C 43 -2.02 3.25 -27.10
N VAL C 44 -3.01 3.10 -27.99
CA VAL C 44 -3.96 1.98 -27.92
C VAL C 44 -3.68 1.13 -29.13
N THR C 45 -3.31 -0.11 -28.95
CA THR C 45 -3.08 -1.02 -30.09
C THR C 45 -4.09 -2.16 -30.06
N TRP C 46 -4.44 -2.73 -31.23
CA TRP C 46 -5.40 -3.81 -31.29
C TRP C 46 -4.97 -4.85 -32.27
N ASN C 47 -5.58 -6.05 -32.21
CA ASN C 47 -5.43 -7.08 -33.22
C ASN C 47 -6.72 -7.86 -33.36
N ALA C 48 -7.14 -8.15 -34.62
CA ALA C 48 -8.38 -8.89 -34.93
C ALA C 48 -8.36 -9.56 -36.30
N SER C 49 -8.04 -10.87 -36.31
CA SER C 49 -7.90 -11.70 -37.51
C SER C 49 -9.08 -11.64 -38.49
N LYS C 50 -10.30 -11.45 -37.95
CA LYS C 50 -11.52 -11.36 -38.76
C LYS C 50 -11.43 -10.14 -39.69
N TYR C 51 -11.06 -9.00 -39.10
CA TYR C 51 -10.94 -7.70 -39.77
C TYR C 51 -9.50 -7.45 -40.29
N SER C 52 -8.91 -8.50 -40.90
CA SER C 52 -7.58 -8.43 -41.50
C SER C 52 -7.64 -7.80 -42.89
N ARG C 53 -8.70 -8.11 -43.65
CA ARG C 53 -8.90 -7.58 -44.98
C ARG C 53 -9.52 -6.17 -44.90
N THR C 54 -9.20 -5.36 -43.85
CA THR C 54 -9.77 -4.03 -43.60
C THR C 54 -8.89 -3.11 -42.71
N ASN C 55 -9.18 -1.79 -42.77
CA ASN C 55 -8.66 -0.79 -41.86
C ASN C 55 -9.76 -0.43 -40.88
N LEU C 56 -9.65 -0.91 -39.63
CA LEU C 56 -10.58 -0.54 -38.58
C LEU C 56 -10.25 0.89 -38.18
N THR C 57 -11.27 1.71 -37.92
CA THR C 57 -11.05 3.11 -37.54
C THR C 57 -11.13 3.26 -35.99
N PHE C 58 -10.39 4.24 -35.40
CA PHE C 58 -10.37 4.49 -33.95
C PHE C 58 -10.96 5.85 -33.67
N HIS C 59 -11.94 5.88 -32.75
CA HIS C 59 -12.67 7.09 -32.37
C HIS C 59 -12.60 7.25 -30.85
N TYR C 60 -12.34 8.47 -30.35
CA TYR C 60 -12.17 8.71 -28.92
C TYR C 60 -12.72 10.05 -28.47
N ARG C 61 -12.74 10.26 -27.16
CA ARG C 61 -13.11 11.49 -26.48
C ARG C 61 -12.70 11.39 -25.01
N PHE C 62 -12.70 12.52 -24.30
CA PHE C 62 -12.39 12.52 -22.89
C PHE C 62 -13.67 12.81 -22.13
N ASN C 63 -13.65 12.71 -20.81
CA ASN C 63 -14.88 12.87 -20.04
C ASN C 63 -15.55 14.21 -20.26
N GLY C 64 -16.85 14.13 -20.57
CA GLY C 64 -17.72 15.28 -20.78
C GLY C 64 -17.86 15.76 -22.21
N ASP C 65 -16.72 15.74 -22.95
CA ASP C 65 -16.56 16.15 -24.36
C ASP C 65 -17.30 15.12 -25.20
N GLU C 66 -18.63 15.28 -25.23
CA GLU C 66 -19.61 14.33 -25.76
C GLU C 66 -19.36 13.73 -27.17
N ALA C 67 -19.05 14.54 -28.23
CA ALA C 67 -18.83 13.95 -29.57
C ALA C 67 -17.46 13.30 -29.74
N TYR C 68 -17.43 12.09 -30.35
CA TYR C 68 -16.20 11.36 -30.61
C TYR C 68 -15.42 12.01 -31.75
N ASP C 69 -14.10 12.05 -31.62
CA ASP C 69 -13.20 12.51 -32.67
C ASP C 69 -12.47 11.30 -33.21
N GLN C 70 -12.02 11.38 -34.45
CA GLN C 70 -11.30 10.25 -35.03
C GLN C 70 -9.79 10.43 -34.81
N CYS C 71 -9.08 9.31 -34.73
CA CYS C 71 -7.63 9.25 -34.60
C CYS C 71 -6.96 10.02 -35.76
N THR C 72 -5.92 10.83 -35.44
CA THR C 72 -5.17 11.59 -36.47
C THR C 72 -3.70 11.10 -36.54
N ASN C 73 -3.40 10.02 -35.78
CA ASN C 73 -2.08 9.41 -35.74
C ASN C 73 -2.21 7.91 -35.56
N TYR C 74 -2.26 7.21 -36.70
CA TYR C 74 -2.47 5.77 -36.71
C TYR C 74 -1.18 5.01 -36.82
N LEU C 75 -1.13 3.85 -36.15
CA LEU C 75 -0.03 2.91 -36.28
C LEU C 75 -0.55 1.87 -37.26
N LEU C 76 0.32 1.39 -38.16
CA LEU C 76 -0.06 0.33 -39.10
C LEU C 76 0.83 -0.87 -38.90
N GLN C 77 0.36 -2.04 -39.34
CA GLN C 77 1.10 -3.28 -39.30
C GLN C 77 0.61 -4.07 -40.49
N GLU C 78 1.55 -4.43 -41.39
CA GLU C 78 1.27 -5.15 -42.63
C GLU C 78 0.27 -4.37 -43.51
N GLY C 79 0.45 -3.06 -43.53
CA GLY C 79 -0.35 -2.15 -44.34
C GLY C 79 -1.71 -1.75 -43.81
N HIS C 80 -2.14 -2.34 -42.68
CA HIS C 80 -3.46 -2.05 -42.11
C HIS C 80 -3.35 -1.48 -40.68
N THR C 81 -4.36 -0.67 -40.27
CA THR C 81 -4.40 -0.02 -38.94
C THR C 81 -4.26 -1.03 -37.81
N SER C 82 -3.42 -0.70 -36.83
CA SER C 82 -3.11 -1.58 -35.71
C SER C 82 -3.06 -0.84 -34.37
N GLY C 83 -3.15 0.48 -34.41
CA GLY C 83 -3.10 1.28 -33.19
C GLY C 83 -3.31 2.75 -33.44
N CYS C 84 -3.36 3.53 -32.36
CA CYS C 84 -3.54 4.96 -32.39
C CYS C 84 -2.64 5.61 -31.35
N LEU C 85 -2.11 6.80 -31.67
CA LEU C 85 -1.32 7.59 -30.73
C LEU C 85 -2.04 8.90 -30.45
N LEU C 86 -2.30 9.16 -29.16
CA LEU C 86 -2.92 10.42 -28.74
C LEU C 86 -1.92 11.19 -27.90
N ASP C 87 -1.77 12.49 -28.14
CA ASP C 87 -0.93 13.33 -27.30
C ASP C 87 -1.79 13.64 -26.07
N ALA C 88 -1.43 13.14 -24.90
CA ALA C 88 -2.27 13.35 -23.73
C ALA C 88 -1.84 14.49 -22.85
N GLU C 89 -0.61 14.96 -23.02
CA GLU C 89 -0.06 16.14 -22.35
C GLU C 89 -0.33 16.19 -20.81
N GLN C 90 0.12 15.12 -20.16
CA GLN C 90 0.12 14.94 -18.71
C GLN C 90 -1.31 14.98 -18.07
N ARG C 91 -2.39 14.82 -18.89
CA ARG C 91 -3.76 14.87 -18.40
C ARG C 91 -4.27 13.50 -17.84
N ASP C 92 -5.01 13.53 -16.71
CA ASP C 92 -5.56 12.41 -15.96
C ASP C 92 -7.06 12.39 -16.15
N ASP C 93 -7.50 11.68 -17.17
CA ASP C 93 -8.92 11.63 -17.50
C ASP C 93 -9.29 10.23 -17.91
N ILE C 94 -10.60 9.99 -18.15
CA ILE C 94 -11.11 8.72 -18.67
C ILE C 94 -11.15 8.91 -20.16
N LEU C 95 -10.44 8.04 -20.90
CA LEU C 95 -10.45 8.05 -22.36
C LEU C 95 -11.57 7.11 -22.75
N TYR C 96 -12.55 7.58 -23.54
CA TYR C 96 -13.65 6.74 -24.03
C TYR C 96 -13.33 6.49 -25.48
N PHE C 97 -13.29 5.23 -25.93
CA PHE C 97 -12.95 4.95 -27.32
C PHE C 97 -13.78 3.84 -27.94
N SER C 98 -13.78 3.79 -29.28
CA SER C 98 -14.41 2.73 -30.06
C SER C 98 -13.66 2.51 -31.36
N ILE C 99 -13.48 1.22 -31.68
CA ILE C 99 -12.84 0.72 -32.90
C ILE C 99 -14.01 0.25 -33.79
N ARG C 100 -14.05 0.70 -35.06
CA ARG C 100 -15.16 0.35 -35.92
C ARG C 100 -14.75 -0.27 -37.25
N ASN C 101 -15.62 -1.18 -37.78
CA ASN C 101 -15.57 -1.78 -39.11
C ASN C 101 -16.44 -0.88 -39.94
N GLY C 102 -15.93 0.32 -40.19
CA GLY C 102 -16.64 1.38 -40.86
C GLY C 102 -17.49 2.14 -39.85
N THR C 103 -18.83 1.91 -39.92
CA THR C 103 -19.79 2.55 -39.01
C THR C 103 -20.04 1.66 -37.80
N HIS C 104 -20.03 0.33 -38.02
CA HIS C 104 -20.32 -0.70 -37.03
C HIS C 104 -19.26 -0.85 -35.98
N PRO C 105 -19.54 -0.53 -34.69
CA PRO C 105 -18.48 -0.63 -33.66
C PRO C 105 -18.17 -2.08 -33.29
N VAL C 106 -16.90 -2.42 -33.37
CA VAL C 106 -16.33 -3.74 -33.11
C VAL C 106 -15.92 -3.88 -31.62
N PHE C 107 -15.35 -2.83 -31.05
CA PHE C 107 -14.89 -2.83 -29.68
C PHE C 107 -15.11 -1.45 -29.05
N THR C 108 -15.71 -1.43 -27.86
CA THR C 108 -15.95 -0.18 -27.13
C THR C 108 -15.51 -0.37 -25.69
N ALA C 109 -14.83 0.65 -25.18
CA ALA C 109 -14.33 0.68 -23.82
C ALA C 109 -14.08 2.10 -23.37
N SER C 110 -13.92 2.31 -22.05
CA SER C 110 -13.61 3.57 -21.37
C SER C 110 -12.77 3.30 -20.16
N ARG C 111 -11.56 3.86 -20.14
CA ARG C 111 -10.61 3.62 -19.07
C ARG C 111 -9.90 4.86 -18.59
N TRP C 112 -9.63 4.93 -17.29
CA TRP C 112 -8.79 5.99 -16.76
C TRP C 112 -7.39 5.73 -17.37
N MET C 113 -6.88 6.68 -18.13
CA MET C 113 -5.61 6.57 -18.83
C MET C 113 -4.38 6.22 -17.93
N VAL C 114 -4.30 6.82 -16.73
CA VAL C 114 -3.18 6.60 -15.82
C VAL C 114 -3.09 5.18 -15.28
N TYR C 115 -4.16 4.39 -15.48
CA TYR C 115 -4.19 3.00 -15.05
C TYR C 115 -3.19 2.18 -15.89
N TYR C 116 -2.84 2.69 -17.10
CA TYR C 116 -1.90 2.09 -18.05
C TYR C 116 -0.57 2.87 -18.14
N LEU C 117 -0.25 3.60 -17.08
CA LEU C 117 0.97 4.39 -17.00
C LEU C 117 2.24 3.55 -17.04
N LYS C 118 3.23 3.99 -17.81
CA LYS C 118 4.55 3.39 -17.82
C LYS C 118 5.49 4.56 -17.59
N PRO C 119 6.04 4.73 -16.35
CA PRO C 119 7.01 5.82 -16.12
C PRO C 119 8.30 5.63 -16.92
N SER C 120 9.02 6.71 -17.17
CA SER C 120 10.28 6.60 -17.91
C SER C 120 11.40 6.03 -16.99
N SER C 121 12.45 5.48 -17.62
CA SER C 121 13.57 4.85 -16.97
C SER C 121 14.36 5.87 -16.15
N PRO C 122 14.83 5.51 -14.92
CA PRO C 122 15.57 6.49 -14.09
C PRO C 122 16.74 7.13 -14.81
N LYS C 123 16.86 8.49 -14.78
CA LYS C 123 17.94 9.26 -15.45
C LYS C 123 18.90 9.86 -14.42
N HIS C 124 20.18 10.01 -14.78
CA HIS C 124 21.20 10.57 -13.90
C HIS C 124 21.35 9.80 -12.61
N VAL C 125 21.47 8.48 -12.72
CA VAL C 125 21.65 7.61 -11.55
C VAL C 125 23.07 7.77 -11.02
N ARG C 126 23.23 8.16 -9.74
CA ARG C 126 24.51 8.35 -9.05
C ARG C 126 24.58 7.49 -7.77
N PHE C 127 25.79 6.98 -7.41
CA PHE C 127 26.04 6.16 -6.22
C PHE C 127 27.09 6.83 -5.34
N SER C 128 26.85 6.94 -4.02
CA SER C 128 27.79 7.52 -3.05
C SER C 128 27.98 6.48 -1.95
N TRP C 129 29.23 6.00 -1.75
CA TRP C 129 29.54 4.96 -0.76
C TRP C 129 30.05 5.48 0.55
N HIS C 130 29.68 4.82 1.65
CA HIS C 130 30.21 5.11 2.98
C HIS C 130 30.37 3.84 3.80
N GLN C 131 31.63 3.34 3.88
CA GLN C 131 32.01 2.12 4.57
C GLN C 131 31.17 0.92 4.00
N ASP C 132 30.19 0.42 4.78
CA ASP C 132 29.32 -0.70 4.38
C ASP C 132 27.90 -0.20 4.07
N ALA C 133 27.80 0.87 3.26
CA ALA C 133 26.55 1.49 2.87
C ALA C 133 26.69 2.26 1.55
N VAL C 134 25.58 2.45 0.86
CA VAL C 134 25.52 3.15 -0.42
C VAL C 134 24.21 3.93 -0.48
N THR C 135 24.25 5.12 -1.11
CA THR C 135 23.08 5.96 -1.32
C THR C 135 22.95 6.19 -2.81
N VAL C 136 21.89 5.66 -3.40
CA VAL C 136 21.61 5.76 -4.83
C VAL C 136 20.58 6.87 -5.05
N THR C 137 20.93 7.86 -5.86
CA THR C 137 20.03 8.97 -6.16
C THR C 137 19.82 9.05 -7.66
N CYS C 138 18.72 9.67 -8.09
CA CYS C 138 18.44 9.88 -9.51
C CYS C 138 17.44 11.03 -9.70
N SER C 139 17.17 11.39 -10.94
CA SER C 139 16.25 12.46 -11.23
C SER C 139 14.86 11.97 -10.98
N ASP C 140 14.12 12.67 -10.12
CA ASP C 140 12.72 12.36 -9.82
C ASP C 140 11.85 12.80 -11.00
N LEU C 141 10.71 12.11 -11.20
CA LEU C 141 9.77 12.50 -12.25
C LEU C 141 8.94 13.70 -11.79
N SER C 142 8.26 14.37 -12.72
CA SER C 142 7.43 15.55 -12.51
C SER C 142 6.04 15.26 -11.96
N TYR C 143 5.74 13.97 -11.69
CA TYR C 143 4.47 13.50 -11.14
C TYR C 143 4.72 12.64 -9.94
N GLY C 144 3.76 12.62 -9.02
CA GLY C 144 3.91 11.91 -7.74
C GLY C 144 3.36 10.52 -7.63
N ASP C 145 3.45 9.96 -6.41
CA ASP C 145 2.98 8.64 -6.02
C ASP C 145 3.63 7.55 -6.82
N LEU C 146 4.96 7.67 -6.92
CA LEU C 146 5.81 6.68 -7.58
C LEU C 146 6.77 6.06 -6.56
N LEU C 147 7.28 4.84 -6.88
CA LEU C 147 8.23 4.12 -6.06
C LEU C 147 9.50 3.96 -6.85
N TYR C 148 10.61 4.54 -6.37
CA TYR C 148 11.90 4.41 -7.05
C TYR C 148 12.61 3.20 -6.44
N GLU C 149 12.69 2.08 -7.18
CA GLU C 149 13.25 0.82 -6.69
C GLU C 149 14.64 0.52 -7.17
N VAL C 150 15.53 0.16 -6.23
CA VAL C 150 16.91 -0.25 -6.47
C VAL C 150 17.03 -1.75 -6.19
N GLN C 151 17.48 -2.53 -7.17
CA GLN C 151 17.71 -3.96 -6.97
C GLN C 151 19.22 -4.21 -6.97
N TYR C 152 19.70 -5.18 -6.16
CA TYR C 152 21.13 -5.46 -6.06
C TYR C 152 21.40 -6.87 -5.68
N ARG C 153 22.62 -7.34 -5.98
CA ARG C 153 23.08 -8.69 -5.64
C ARG C 153 24.59 -8.84 -5.81
N SER C 154 25.15 -9.77 -5.04
CA SER C 154 26.54 -10.16 -5.16
C SER C 154 26.52 -11.56 -5.80
N PRO C 155 27.65 -12.08 -6.30
CA PRO C 155 27.63 -13.45 -6.87
C PRO C 155 27.17 -14.54 -5.89
N PHE C 156 27.21 -14.25 -4.57
CA PHE C 156 26.80 -15.13 -3.47
C PHE C 156 25.28 -15.17 -3.24
N ASP C 157 24.52 -14.20 -3.81
CA ASP C 157 23.07 -14.13 -3.68
C ASP C 157 22.36 -14.90 -4.78
N THR C 158 21.28 -15.61 -4.41
CA THR C 158 20.46 -16.46 -5.27
C THR C 158 19.44 -15.69 -6.10
N GLU C 159 18.95 -14.56 -5.56
CA GLU C 159 17.98 -13.67 -6.21
C GLU C 159 18.37 -12.20 -5.93
N TRP C 160 17.73 -11.28 -6.65
CA TRP C 160 17.96 -9.86 -6.44
C TRP C 160 17.33 -9.44 -5.11
N GLN C 161 18.02 -8.61 -4.33
CA GLN C 161 17.45 -8.04 -3.11
C GLN C 161 16.96 -6.63 -3.55
N SER C 162 15.99 -6.03 -2.84
CA SER C 162 15.41 -4.76 -3.27
C SER C 162 15.10 -3.79 -2.15
N LYS C 163 15.26 -2.49 -2.42
CA LYS C 163 14.89 -1.39 -1.53
C LYS C 163 14.29 -0.30 -2.41
N GLN C 164 13.16 0.27 -1.99
CA GLN C 164 12.48 1.32 -2.75
C GLN C 164 12.04 2.46 -1.87
N GLU C 165 11.82 3.64 -2.47
CA GLU C 165 11.39 4.86 -1.75
C GLU C 165 10.49 5.71 -2.62
N ASN C 166 9.87 6.75 -1.99
CA ASN C 166 8.99 7.77 -2.56
C ASN C 166 9.72 8.75 -3.47
N THR C 167 11.04 8.93 -3.24
CA THR C 167 11.93 9.77 -4.03
C THR C 167 13.15 8.96 -4.39
N CYS C 168 13.88 9.43 -5.38
CA CYS C 168 15.06 8.74 -5.85
C CYS C 168 16.27 9.13 -5.01
N ASN C 169 16.31 8.56 -3.81
CA ASN C 169 17.34 8.68 -2.76
C ASN C 169 17.08 7.49 -1.85
N VAL C 170 17.69 6.36 -2.23
CA VAL C 170 17.56 5.08 -1.57
C VAL C 170 18.90 4.77 -0.96
N THR C 171 18.93 4.54 0.36
CA THR C 171 20.17 4.22 1.07
C THR C 171 20.13 2.73 1.46
N ILE C 172 21.13 1.96 1.03
CA ILE C 172 21.20 0.54 1.36
C ILE C 172 22.39 0.30 2.31
N GLU C 173 22.12 0.18 3.62
CA GLU C 173 23.15 -0.05 4.63
C GLU C 173 23.33 -1.58 4.82
N GLY C 174 24.43 -1.94 5.49
CA GLY C 174 24.75 -3.33 5.82
C GLY C 174 25.28 -4.19 4.69
N LEU C 175 25.92 -3.58 3.69
CA LEU C 175 26.51 -4.32 2.59
C LEU C 175 27.94 -4.69 2.96
N ASP C 176 28.70 -5.27 2.02
CA ASP C 176 30.11 -5.66 2.26
C ASP C 176 30.99 -4.96 1.25
N ALA C 177 31.85 -4.04 1.73
CA ALA C 177 32.79 -3.31 0.88
C ALA C 177 33.68 -4.28 0.08
N GLU C 178 34.06 -5.42 0.70
CA GLU C 178 34.89 -6.47 0.11
C GLU C 178 34.23 -7.23 -1.06
N LYS C 179 32.88 -7.20 -1.19
CA LYS C 179 32.16 -7.88 -2.27
C LYS C 179 31.83 -6.99 -3.46
N CYS C 180 31.64 -7.62 -4.63
CA CYS C 180 31.19 -6.97 -5.86
C CYS C 180 29.65 -7.03 -5.84
N TYR C 181 28.98 -5.90 -6.13
CA TYR C 181 27.52 -5.84 -6.20
C TYR C 181 27.09 -5.27 -7.51
N SER C 182 26.11 -5.93 -8.14
CA SER C 182 25.48 -5.48 -9.38
C SER C 182 24.23 -4.71 -8.94
N PHE C 183 23.94 -3.56 -9.58
CA PHE C 183 22.80 -2.67 -9.24
C PHE C 183 22.04 -2.19 -10.44
N TRP C 184 20.73 -1.97 -10.27
CA TRP C 184 19.90 -1.35 -11.29
C TRP C 184 18.63 -0.76 -10.66
N VAL C 185 18.13 0.32 -11.27
CA VAL C 185 17.04 1.13 -10.75
C VAL C 185 15.87 1.20 -11.72
N ARG C 186 14.65 1.39 -11.20
CA ARG C 186 13.43 1.57 -11.98
C ARG C 186 12.37 2.34 -11.20
N VAL C 187 11.36 2.85 -11.92
CA VAL C 187 10.24 3.62 -11.35
C VAL C 187 8.93 2.83 -11.58
N LYS C 188 8.16 2.70 -10.50
CA LYS C 188 6.86 2.06 -10.46
C LYS C 188 5.84 3.07 -10.01
N ALA C 189 4.59 2.92 -10.43
CA ALA C 189 3.50 3.75 -9.93
C ALA C 189 2.91 3.05 -8.70
N MET C 190 2.44 3.79 -7.71
CA MET C 190 1.85 3.22 -6.52
C MET C 190 0.43 2.71 -6.81
N GLU C 191 0.18 1.39 -6.54
CA GLU C 191 -1.11 0.76 -6.79
C GLU C 191 -2.28 1.45 -6.11
N ASP C 192 -2.10 2.03 -4.91
CA ASP C 192 -3.22 2.68 -4.20
C ASP C 192 -3.75 3.92 -4.91
N VAL C 193 -2.87 4.55 -5.73
CA VAL C 193 -3.17 5.77 -6.48
C VAL C 193 -3.43 5.50 -7.93
N TYR C 194 -2.59 4.68 -8.57
CA TYR C 194 -2.70 4.42 -10.01
C TYR C 194 -3.37 3.08 -10.38
N GLY C 195 -3.67 2.27 -9.39
CA GLY C 195 -4.27 0.99 -9.72
C GLY C 195 -3.27 -0.12 -10.04
N PRO C 196 -3.80 -1.35 -10.22
CA PRO C 196 -2.92 -2.51 -10.42
C PRO C 196 -2.38 -2.83 -11.81
N ASP C 197 -2.82 -2.17 -12.88
CA ASP C 197 -2.41 -2.56 -14.23
C ASP C 197 -1.34 -1.68 -14.90
N THR C 198 -0.58 -0.89 -14.11
CA THR C 198 0.47 -0.06 -14.72
C THR C 198 1.67 -0.91 -15.07
N TYR C 199 2.66 -0.31 -15.73
CA TYR C 199 3.88 -0.99 -16.12
C TYR C 199 5.03 -0.38 -15.38
N PRO C 200 5.97 -1.16 -14.84
CA PRO C 200 7.16 -0.52 -14.28
C PRO C 200 7.97 0.04 -15.43
N SER C 201 8.81 1.04 -15.14
CA SER C 201 9.69 1.58 -16.17
C SER C 201 10.67 0.48 -16.55
N ASP C 202 11.45 0.70 -17.59
CA ASP C 202 12.49 -0.24 -17.89
C ASP C 202 13.61 0.02 -16.87
N TRP C 203 14.44 -0.99 -16.61
CA TRP C 203 15.54 -0.82 -15.67
C TRP C 203 16.60 0.03 -16.33
N SER C 204 17.30 0.84 -15.51
CA SER C 204 18.42 1.67 -15.91
C SER C 204 19.63 0.74 -16.13
N GLU C 205 20.74 1.28 -16.69
CA GLU C 205 21.95 0.50 -16.92
C GLU C 205 22.49 -0.14 -15.64
N VAL C 206 22.91 -1.42 -15.76
CA VAL C 206 23.50 -2.22 -14.68
C VAL C 206 24.92 -1.74 -14.42
N THR C 207 25.23 -1.52 -13.14
CA THR C 207 26.54 -1.07 -12.70
C THR C 207 27.08 -2.01 -11.62
N CYS C 208 28.40 -2.28 -11.66
CA CYS C 208 29.07 -3.17 -10.70
C CYS C 208 29.98 -2.35 -9.77
N TRP C 209 30.00 -2.68 -8.44
CA TRP C 209 30.78 -1.94 -7.45
C TRP C 209 31.44 -2.79 -6.34
N GLN C 210 32.78 -2.66 -6.17
CA GLN C 210 33.56 -3.33 -5.12
C GLN C 210 34.51 -2.30 -4.50
N ARG C 211 34.43 -2.11 -3.15
CA ARG C 211 35.25 -1.18 -2.36
C ARG C 211 35.08 0.30 -2.77
N GLY C 212 33.83 0.68 -3.09
CA GLY C 212 33.47 2.04 -3.49
C GLY C 212 34.05 2.53 -4.80
N GLU C 213 34.34 1.60 -5.74
CA GLU C 213 34.88 1.89 -7.08
C GLU C 213 34.09 1.11 -8.14
N ILE C 214 33.88 1.70 -9.35
CA ILE C 214 33.14 1.04 -10.44
C ILE C 214 33.96 -0.11 -11.03
N ARG C 215 33.28 -1.16 -11.53
CA ARG C 215 33.93 -2.33 -12.12
C ARG C 215 33.29 -2.71 -13.47
N ASP C 216 33.96 -3.61 -14.22
CA ASP C 216 33.49 -4.07 -15.53
C ASP C 216 32.50 -5.26 -15.43
N ALA C 217 32.98 -6.41 -14.89
CA ALA C 217 32.20 -7.65 -14.74
C ALA C 217 32.00 -7.98 -13.27
N CYS C 218 31.19 -9.00 -12.95
CA CYS C 218 30.94 -9.40 -11.58
C CYS C 218 30.79 -10.94 -11.49
C1 NAG D . -29.35 14.53 12.37
C2 NAG D . -29.42 16.02 12.09
C3 NAG D . -28.16 16.56 12.76
C4 NAG D . -28.30 16.47 14.26
C5 NAG D . -28.46 15.01 14.67
C6 NAG D . -29.05 14.87 16.05
C7 NAG D . -30.11 17.41 10.17
C8 NAG D . -29.93 17.66 8.69
N2 NAG D . -29.44 16.37 10.67
O3 NAG D . -27.86 17.90 12.38
O4 NAG D . -27.15 17.02 14.91
O5 NAG D . -29.37 14.32 13.79
O6 NAG D . -30.49 14.95 16.05
O7 NAG D . -30.82 18.14 10.87
S SO4 E . 9.35 -7.71 -11.93
O1 SO4 E . 8.39 -6.63 -11.65
O2 SO4 E . 9.87 -8.25 -10.66
O3 SO4 E . 10.45 -7.19 -12.75
O4 SO4 E . 8.66 -8.77 -12.68
S SO4 F . 9.34 13.83 -16.46
O1 SO4 F . 8.62 14.79 -17.31
O2 SO4 F . 10.09 14.49 -15.37
O3 SO4 F . 8.33 12.92 -15.91
O4 SO4 F . 10.29 13.08 -17.31
S SO4 G . 13.18 6.33 -21.08
O1 SO4 G . 13.28 7.38 -22.10
O2 SO4 G . 13.65 6.88 -19.80
O3 SO4 G . 14.00 5.19 -21.47
O4 SO4 G . 11.80 5.88 -20.89
C1 NAG H . -5.52 1.24 -44.96
C2 NAG H . -5.84 1.16 -46.45
C3 NAG H . -4.53 1.19 -47.22
C4 NAG H . -3.68 2.39 -46.84
C5 NAG H . -3.57 2.58 -45.33
C6 NAG H . -3.00 3.94 -44.94
C7 NAG H . -7.84 -0.13 -47.10
C8 NAG H . -8.58 -1.39 -46.77
N2 NAG H . -6.57 -0.07 -46.67
O3 NAG H . -4.83 1.24 -48.61
O4 NAG H . -2.36 2.22 -47.34
O5 NAG H . -4.87 2.49 -44.72
O6 NAG H . -3.11 4.21 -43.54
O7 NAG H . -8.37 0.80 -47.70
C1 NAG I . -2.10 -9.81 -30.57
C2 NAG I . -2.14 -9.23 -29.15
C3 NAG I . -1.07 -10.13 -28.52
C4 NAG I . -1.50 -11.61 -28.52
C5 NAG I . -1.88 -12.10 -29.92
C6 NAG I . -2.67 -13.39 -29.91
C7 NAG I . -2.08 -6.93 -28.22
C8 NAG I . -1.89 -5.49 -28.61
N2 NAG I . -1.73 -7.84 -29.16
O3 NAG I . -0.74 -9.68 -27.20
O4 NAG I . -0.44 -12.43 -28.03
O5 NAG I . -2.69 -11.11 -30.59
O6 NAG I . -3.15 -13.68 -31.22
O7 NAG I . -2.52 -7.25 -27.12
#